data_7IFI
#
_entry.id   7IFI
#
_cell.length_a   45.310
_cell.length_b   73.120
_cell.length_c   52.420
_cell.angle_alpha   90.00
_cell.angle_beta   109.43
_cell.angle_gamma   90.00
#
_symmetry.space_group_name_H-M   'P 1 21 1'
#
loop_
_entity.id
_entity.type
_entity.pdbx_description
1 polymer Endothiapepsin
2 non-polymer [(3R,4S)-4-(thiophen-3-yl)pyrrolidin-3-yl]methanol
3 non-polymer [(3S,4R)-4-(thiophen-3-yl)pyrrolidin-3-yl]methanol
4 water water
#
_entity_poly.entity_id   1
_entity_poly.type   'polypeptide(L)'
_entity_poly.pdbx_seq_one_letter_code
;STGSATTTPIDSLDDAYITPVQIGTPAQTLNLDFDTGSSDLWVFSSETTASEVDGQTIYTPSKSTTAKLLSGATWSISYG
DGSSSSGDVYTDTVSVGGLTVTGQAVESAKKVSSSFTEDSTIDGLLGLAFSTLNTVSPTQQKTFFDNAKASLDSPVFTAD
LGYHAPGTYNFGFIDTTAYTGSITYTAVSTKQGFWEWTSTGYAVGSGTFKSTSIDGIADTGTTLLYLPATVVSAYWAQVS
GAKSSSSVGGYVFPCSATLPSFTFGVGSARIVIPGDYIDFGPISTGSSSCFGGIQSSAGIGINIFGDVALKAAFVVFNGA
TTPTLGFASK
;
_entity_poly.pdbx_strand_id   A
#
# COMPACT_ATOMS: atom_id res chain seq x y z
N SER A 1 -13.49 8.77 -19.31
CA SER A 1 -12.49 7.72 -19.58
C SER A 1 -12.42 6.76 -18.41
N THR A 2 -11.84 5.60 -18.69
CA THR A 2 -11.52 4.57 -17.67
C THR A 2 -10.18 3.94 -17.99
N GLY A 3 -9.62 3.26 -16.98
CA GLY A 3 -8.46 2.39 -17.19
C GLY A 3 -8.63 1.15 -16.35
N SER A 4 -7.98 0.08 -16.75
CA SER A 4 -8.06 -1.25 -16.07
C SER A 4 -6.74 -1.95 -16.26
N ALA A 5 -6.03 -2.28 -15.19
CA ALA A 5 -4.72 -2.92 -15.28
C ALA A 5 -4.67 -4.06 -14.29
N THR A 6 -4.01 -5.15 -14.69
CA THR A 6 -3.79 -6.29 -13.82
C THR A 6 -2.60 -6.01 -12.92
N THR A 7 -2.72 -6.37 -11.64
CA THR A 7 -1.66 -6.24 -10.63
C THR A 7 -1.25 -7.65 -10.21
N THR A 8 0.04 -7.90 -10.09
CA THR A 8 0.57 -9.28 -9.96
C THR A 8 1.49 -9.32 -8.74
N PRO A 9 1.35 -10.31 -7.86
N PRO A 9 1.33 -10.30 -7.84
N PRO A 9 1.35 -10.33 -7.86
N PRO A 9 1.34 -10.31 -7.84
CA PRO A 9 2.27 -10.42 -6.73
CA PRO A 9 2.27 -10.47 -6.75
CA PRO A 9 2.27 -10.43 -6.72
CA PRO A 9 2.27 -10.46 -6.74
C PRO A 9 3.71 -10.60 -7.22
C PRO A 9 3.71 -10.59 -7.25
C PRO A 9 3.71 -10.61 -7.22
C PRO A 9 3.72 -10.60 -7.24
N ILE A 10 4.65 -10.00 -6.51
CA ILE A 10 6.08 -10.07 -6.89
C ILE A 10 6.70 -11.41 -6.51
N ASP A 11 6.09 -12.17 -5.62
CA ASP A 11 6.67 -13.41 -5.10
C ASP A 11 5.56 -14.25 -4.53
N SER A 12 5.91 -15.42 -4.02
CA SER A 12 4.95 -16.44 -3.58
C SER A 12 4.26 -16.05 -2.25
N LEU A 13 4.70 -14.98 -1.62
CA LEU A 13 4.15 -14.53 -0.32
C LEU A 13 3.23 -13.32 -0.50
N ASP A 14 3.11 -12.76 -1.70
CA ASP A 14 2.37 -11.49 -1.90
C ASP A 14 3.08 -10.38 -1.11
N ASP A 15 4.40 -10.32 -1.15
CA ASP A 15 5.10 -9.26 -0.41
C ASP A 15 4.76 -7.87 -0.94
N ALA A 16 4.45 -7.81 -2.23
N ALA A 16 4.45 -7.81 -2.23
N ALA A 16 4.51 -7.79 -2.25
N ALA A 16 4.51 -7.79 -2.25
CA ALA A 16 3.96 -6.58 -2.89
CA ALA A 16 3.96 -6.58 -2.89
CA ALA A 16 4.12 -6.54 -2.93
CA ALA A 16 4.12 -6.54 -2.93
C ALA A 16 3.36 -6.97 -4.22
C ALA A 16 3.36 -6.97 -4.22
C ALA A 16 3.47 -6.93 -4.27
C ALA A 16 3.47 -6.93 -4.27
N TYR A 17 2.76 -6.00 -4.88
CA TYR A 17 2.11 -6.19 -6.18
C TYR A 17 2.66 -5.18 -7.17
N ILE A 18 2.88 -5.61 -8.39
CA ILE A 18 3.36 -4.74 -9.48
C ILE A 18 2.35 -4.66 -10.60
N THR A 19 2.25 -3.48 -11.19
CA THR A 19 1.27 -3.14 -12.21
C THR A 19 2.03 -2.49 -13.34
N PRO A 20 1.86 -2.92 -14.59
CA PRO A 20 2.59 -2.31 -15.69
C PRO A 20 2.05 -0.90 -15.99
N VAL A 21 2.98 0.02 -16.24
CA VAL A 21 2.67 1.44 -16.49
C VAL A 21 3.50 1.88 -17.70
N GLN A 22 2.83 2.51 -18.65
CA GLN A 22 3.49 3.06 -19.85
C GLN A 22 3.91 4.50 -19.59
N ILE A 23 5.17 4.77 -19.78
CA ILE A 23 5.74 6.13 -19.59
C ILE A 23 6.42 6.58 -20.89
N GLY A 24 6.09 7.76 -21.35
CA GLY A 24 6.84 8.37 -22.47
C GLY A 24 6.36 7.96 -23.84
N THR A 25 7.08 8.48 -24.84
CA THR A 25 6.74 8.31 -26.28
C THR A 25 8.03 8.02 -27.04
N PRO A 26 8.22 6.85 -27.64
CA PRO A 26 7.36 5.66 -27.53
C PRO A 26 7.30 5.18 -26.08
N ALA A 27 6.31 4.36 -25.80
CA ALA A 27 6.06 3.88 -24.44
C ALA A 27 7.27 3.13 -23.92
N GLN A 28 7.60 3.39 -22.66
CA GLN A 28 8.54 2.59 -21.88
C GLN A 28 7.71 1.95 -20.77
N THR A 29 7.62 0.64 -20.70
CA THR A 29 6.75 -0.01 -19.73
C THR A 29 7.58 -0.40 -18.53
N LEU A 30 7.20 0.14 -17.35
CA LEU A 30 7.82 -0.19 -16.06
C LEU A 30 6.75 -0.80 -15.17
N ASN A 31 7.18 -1.69 -14.30
CA ASN A 31 6.28 -2.39 -13.36
C ASN A 31 6.37 -1.67 -12.01
N LEU A 32 5.30 -0.94 -11.68
CA LEU A 32 5.31 -0.07 -10.49
C LEU A 32 4.46 -0.64 -9.40
N ASP A 33 4.84 -0.32 -8.17
N ASP A 33 4.84 -0.32 -8.17
N ASP A 33 4.81 -0.28 -8.16
N ASP A 33 4.81 -0.28 -8.16
CA ASP A 33 4.12 -0.71 -6.94
CA ASP A 33 4.12 -0.71 -6.94
CA ASP A 33 4.08 -0.65 -6.93
CA ASP A 33 4.08 -0.65 -6.93
C ASP A 33 3.12 0.41 -6.66
C ASP A 33 3.12 0.41 -6.66
C ASP A 33 3.07 0.45 -6.65
C ASP A 33 3.07 0.45 -6.65
N PHE A 34 1.85 0.14 -6.91
N PHE A 34 1.85 0.14 -6.91
N PHE A 34 1.79 0.19 -6.92
N PHE A 34 1.79 0.19 -6.92
CA PHE A 34 0.77 1.12 -6.67
CA PHE A 34 0.77 1.12 -6.67
CA PHE A 34 0.69 1.16 -6.67
CA PHE A 34 0.69 1.15 -6.67
C PHE A 34 0.55 1.21 -5.17
C PHE A 34 0.55 1.21 -5.17
C PHE A 34 0.52 1.28 -5.15
C PHE A 34 0.52 1.28 -5.15
N ASP A 35 0.70 2.41 -4.63
N ASP A 35 0.70 2.41 -4.63
N ASP A 35 0.70 2.48 -4.60
N ASP A 35 0.70 2.48 -4.60
CA ASP A 35 0.85 2.62 -3.18
CA ASP A 35 0.85 2.62 -3.18
CA ASP A 35 0.79 2.68 -3.14
CA ASP A 35 0.79 2.68 -3.14
C ASP A 35 -0.17 3.67 -2.73
C ASP A 35 -0.17 3.67 -2.73
C ASP A 35 -0.25 3.71 -2.70
C ASP A 35 -0.25 3.71 -2.70
N THR A 36 -1.31 3.27 -2.17
N THR A 36 -1.31 3.27 -2.17
N THR A 36 -1.37 3.27 -2.13
N THR A 36 -1.37 3.27 -2.13
CA THR A 36 -2.30 4.24 -1.64
CA THR A 36 -2.30 4.24 -1.64
CA THR A 36 -2.44 4.20 -1.68
CA THR A 36 -2.44 4.20 -1.68
C THR A 36 -1.81 4.89 -0.34
C THR A 36 -1.81 4.89 -0.34
C THR A 36 -2.00 4.92 -0.38
C THR A 36 -2.00 4.92 -0.38
N GLY A 37 -0.61 4.57 0.14
N GLY A 37 -0.61 4.57 0.14
N GLY A 37 -0.80 4.66 0.16
N GLY A 37 -0.80 4.66 0.16
CA GLY A 37 -0.02 5.21 1.33
CA GLY A 37 -0.02 5.21 1.33
CA GLY A 37 -0.28 5.34 1.36
CA GLY A 37 -0.27 5.34 1.36
C GLY A 37 1.04 6.24 1.01
C GLY A 37 1.04 6.24 1.01
C GLY A 37 0.80 6.37 1.07
C GLY A 37 0.80 6.37 1.07
N SER A 38 1.24 6.61 -0.25
N SER A 38 1.24 6.61 -0.25
N SER A 38 1.19 6.60 -0.19
N SER A 38 1.19 6.60 -0.19
CA SER A 38 2.19 7.68 -0.63
CA SER A 38 2.19 7.68 -0.63
CA SER A 38 2.14 7.67 -0.58
CA SER A 38 2.15 7.67 -0.58
C SER A 38 1.73 8.34 -1.91
C SER A 38 1.73 8.34 -1.91
C SER A 38 1.68 8.33 -1.88
C SER A 38 1.68 8.33 -1.88
N SER A 39 2.40 9.42 -2.30
N SER A 39 2.40 9.42 -2.30
N SER A 39 2.34 9.41 -2.30
N SER A 39 2.34 9.42 -2.29
CA SER A 39 1.84 10.36 -3.30
CA SER A 39 1.84 10.36 -3.30
CA SER A 39 1.79 10.29 -3.36
CA SER A 39 1.79 10.29 -3.36
C SER A 39 2.89 10.75 -4.33
C SER A 39 2.89 10.75 -4.33
C SER A 39 2.86 10.72 -4.36
C SER A 39 2.86 10.72 -4.36
N ASP A 40 3.94 9.94 -4.50
CA ASP A 40 5.00 10.20 -5.49
C ASP A 40 4.95 9.07 -6.50
N LEU A 41 5.05 9.42 -7.77
CA LEU A 41 5.29 8.46 -8.87
C LEU A 41 6.77 8.58 -9.17
N TRP A 42 7.55 7.61 -8.74
CA TRP A 42 9.01 7.66 -8.96
C TRP A 42 9.48 6.36 -9.60
N VAL A 43 10.53 6.45 -10.38
CA VAL A 43 11.03 5.32 -11.20
C VAL A 43 12.53 5.22 -11.11
N PHE A 44 13.01 4.00 -11.18
CA PHE A 44 14.40 3.72 -11.59
C PHE A 44 14.57 4.34 -12.96
N SER A 45 15.75 4.89 -13.21
CA SER A 45 15.96 5.63 -14.45
C SER A 45 17.39 5.50 -14.95
N SER A 46 17.64 6.15 -16.08
CA SER A 46 19.00 6.33 -16.67
C SER A 46 19.83 7.22 -15.75
N GLU A 47 19.22 7.91 -14.81
CA GLU A 47 19.93 8.80 -13.85
C GLU A 47 20.29 8.07 -12.57
N THR A 48 19.72 6.90 -12.33
CA THR A 48 19.96 6.19 -11.04
C THR A 48 21.45 5.77 -10.98
N THR A 49 22.12 6.11 -9.89
CA THR A 49 23.50 5.62 -9.60
C THR A 49 23.64 4.14 -10.04
N ALA A 50 24.61 3.83 -10.89
CA ALA A 50 24.65 2.54 -11.61
C ALA A 50 24.76 1.39 -10.62
N SER A 51 25.53 1.54 -9.54
CA SER A 51 25.72 0.52 -8.50
C SER A 51 24.42 0.21 -7.75
N GLU A 52 23.39 1.05 -7.89
CA GLU A 52 22.12 0.91 -7.12
C GLU A 52 21.04 0.31 -8.01
N VAL A 53 21.38 -0.02 -9.23
CA VAL A 53 20.46 -0.72 -10.18
C VAL A 53 20.92 -2.17 -10.27
N ASP A 54 20.02 -3.10 -10.04
CA ASP A 54 20.31 -4.55 -10.13
C ASP A 54 19.08 -5.27 -10.71
N GLY A 55 18.87 -5.15 -11.99
CA GLY A 55 17.83 -5.94 -12.69
C GLY A 55 16.56 -5.17 -12.99
N GLN A 56 16.39 -3.99 -12.41
CA GLN A 56 15.14 -3.22 -12.64
C GLN A 56 15.13 -2.72 -14.07
N THR A 57 13.95 -2.48 -14.60
CA THR A 57 13.77 -1.75 -15.86
C THR A 57 13.82 -0.26 -15.55
N ILE A 58 14.53 0.49 -16.37
CA ILE A 58 14.74 1.93 -16.15
C ILE A 58 13.96 2.73 -17.18
N TYR A 59 13.51 3.90 -16.72
CA TYR A 59 12.99 4.96 -17.56
C TYR A 59 14.17 5.81 -18.06
N THR A 60 14.24 6.00 -19.36
CA THR A 60 15.28 6.90 -19.97
C THR A 60 14.58 8.11 -20.56
N PRO A 61 14.51 9.27 -19.86
CA PRO A 61 13.77 10.39 -20.41
C PRO A 61 14.29 10.88 -21.76
N SER A 62 15.59 10.74 -21.99
CA SER A 62 16.20 11.25 -23.25
C SER A 62 15.67 10.49 -24.45
N LYS A 63 15.06 9.32 -24.25
CA LYS A 63 14.48 8.51 -25.34
C LYS A 63 13.00 8.79 -25.51
N SER A 64 12.41 9.68 -24.71
CA SER A 64 10.99 10.01 -24.82
C SER A 64 10.82 11.38 -25.45
N THR A 65 10.07 11.46 -26.54
CA THR A 65 9.88 12.72 -27.27
C THR A 65 8.94 13.65 -26.50
N THR A 66 8.22 13.13 -25.50
CA THR A 66 7.24 13.91 -24.72
C THR A 66 7.83 14.29 -23.33
N ALA A 67 9.00 13.80 -22.98
CA ALA A 67 9.61 14.11 -21.66
C ALA A 67 10.09 15.55 -21.66
N LYS A 68 9.84 16.25 -20.56
N LYS A 68 9.84 16.25 -20.56
N LYS A 68 9.84 16.25 -20.56
N LYS A 68 9.84 16.25 -20.56
CA LYS A 68 10.36 17.62 -20.31
CA LYS A 68 10.40 17.61 -20.34
CA LYS A 68 10.36 17.62 -20.32
CA LYS A 68 10.40 17.61 -20.34
C LYS A 68 10.92 17.67 -18.90
C LYS A 68 10.93 17.67 -18.90
C LYS A 68 10.92 17.67 -18.90
C LYS A 68 10.93 17.67 -18.90
N LEU A 69 12.14 18.16 -18.74
CA LEU A 69 12.70 18.36 -17.38
C LEU A 69 11.78 19.35 -16.68
N LEU A 70 11.37 19.08 -15.45
CA LEU A 70 10.64 20.06 -14.63
C LEU A 70 11.74 20.81 -13.88
N SER A 71 12.14 21.94 -14.45
N SER A 71 12.15 21.94 -14.45
N SER A 71 12.14 21.94 -14.46
N SER A 71 12.15 21.94 -14.45
CA SER A 71 13.40 22.62 -14.06
CA SER A 71 13.39 22.66 -14.08
CA SER A 71 13.40 22.62 -14.06
CA SER A 71 13.39 22.65 -14.07
C SER A 71 13.37 23.01 -12.57
C SER A 71 13.38 23.03 -12.58
C SER A 71 13.37 23.01 -12.57
C SER A 71 13.38 23.02 -12.59
N GLY A 72 14.42 22.62 -11.86
CA GLY A 72 14.58 22.99 -10.45
C GLY A 72 13.90 22.08 -9.49
N ALA A 73 13.08 21.15 -9.97
CA ALA A 73 12.30 20.31 -9.04
C ALA A 73 13.11 19.10 -8.57
N THR A 74 13.06 18.83 -7.28
CA THR A 74 13.70 17.65 -6.68
C THR A 74 12.67 16.99 -5.78
N TRP A 75 13.02 15.77 -5.40
CA TRP A 75 12.14 14.98 -4.51
C TRP A 75 13.01 14.09 -3.64
N SER A 76 12.42 13.71 -2.53
CA SER A 76 13.13 12.83 -1.56
C SER A 76 12.10 12.24 -0.63
N ILE A 77 12.10 10.91 -0.52
CA ILE A 77 11.04 10.24 0.29
C ILE A 77 11.66 9.12 1.09
N SER A 78 11.15 9.02 2.33
N SER A 78 11.15 9.02 2.33
N SER A 78 10.96 8.67 2.15
N SER A 78 10.96 8.67 2.15
CA SER A 78 11.46 7.97 3.34
CA SER A 78 11.46 7.97 3.34
CA SER A 78 11.31 7.44 2.92
CA SER A 78 11.31 7.44 2.92
C SER A 78 10.15 7.26 3.67
C SER A 78 10.15 7.26 3.67
C SER A 78 10.05 6.62 3.19
C SER A 78 10.05 6.62 3.19
N TYR A 79 10.12 5.94 3.59
N TYR A 79 10.12 5.94 3.59
N TYR A 79 10.21 5.30 3.36
N TYR A 79 10.21 5.30 3.36
CA TYR A 79 8.89 5.12 3.79
CA TYR A 79 8.89 5.12 3.79
CA TYR A 79 9.08 4.38 3.56
CA TYR A 79 9.08 4.38 3.56
C TYR A 79 8.92 4.53 5.21
C TYR A 79 8.92 4.53 5.21
C TYR A 79 9.20 3.70 4.93
C TYR A 79 9.21 3.70 4.93
N GLY A 80 7.78 4.00 5.65
N GLY A 80 7.78 4.00 5.65
N GLY A 80 8.14 2.99 5.32
N GLY A 80 8.14 2.99 5.32
CA GLY A 80 7.59 3.41 6.99
CA GLY A 80 7.59 3.41 6.99
CA GLY A 80 7.90 2.46 6.67
CA GLY A 80 7.90 2.46 6.68
C GLY A 80 8.60 2.33 7.32
C GLY A 80 8.60 2.33 7.32
C GLY A 80 8.85 1.34 7.06
C GLY A 80 8.86 1.33 7.06
N ASP A 81 9.12 1.59 6.31
N ASP A 81 9.12 1.59 6.31
N ASP A 81 9.60 0.78 6.10
N ASP A 81 9.60 0.78 6.10
CA ASP A 81 10.06 0.46 6.50
CA ASP A 81 10.06 0.46 6.50
CA ASP A 81 10.60 -0.30 6.30
CA ASP A 81 10.60 -0.30 6.30
C ASP A 81 11.50 0.96 6.56
C ASP A 81 11.50 0.96 6.56
C ASP A 81 12.02 0.28 6.32
C ASP A 81 12.02 0.28 6.32
N GLY A 82 11.75 2.26 6.43
N GLY A 82 11.75 2.26 6.43
N GLY A 82 12.17 1.61 6.29
N GLY A 82 12.17 1.61 6.29
CA GLY A 82 13.09 2.86 6.50
CA GLY A 82 13.09 2.86 6.50
CA GLY A 82 13.47 2.28 6.38
CA GLY A 82 13.47 2.28 6.38
C GLY A 82 13.75 3.03 5.13
C GLY A 82 13.75 3.03 5.13
C GLY A 82 14.09 2.53 5.01
C GLY A 82 14.09 2.53 5.01
N SER A 83 13.12 2.52 4.06
N SER A 83 13.12 2.52 4.06
N SER A 83 13.32 2.32 3.94
N SER A 83 13.32 2.33 3.95
CA SER A 83 13.66 2.62 2.68
CA SER A 83 13.66 2.62 2.68
CA SER A 83 13.82 2.50 2.55
CA SER A 83 13.82 2.50 2.55
C SER A 83 13.55 4.07 2.21
C SER A 83 13.55 4.07 2.21
C SER A 83 13.44 3.90 2.04
C SER A 83 13.44 3.90 2.04
N SER A 84 14.29 4.44 1.16
CA SER A 84 14.24 5.83 0.68
C SER A 84 14.69 5.90 -0.78
N SER A 85 14.37 7.04 -1.38
CA SER A 85 14.83 7.38 -2.72
C SER A 85 14.72 8.88 -2.91
N SER A 86 15.47 9.37 -3.89
CA SER A 86 15.48 10.82 -4.21
C SER A 86 15.95 11.03 -5.64
N GLY A 87 15.67 12.22 -6.15
CA GLY A 87 16.12 12.58 -7.49
C GLY A 87 15.53 13.87 -8.00
N ASP A 88 15.45 13.93 -9.33
CA ASP A 88 14.87 15.09 -10.06
C ASP A 88 13.57 14.69 -10.75
N VAL A 89 13.01 15.55 -11.57
CA VAL A 89 11.62 15.37 -12.02
C VAL A 89 11.52 15.71 -13.50
N TYR A 90 10.79 14.89 -14.22
CA TYR A 90 10.34 15.14 -15.60
C TYR A 90 8.83 15.19 -15.63
N THR A 91 8.27 15.84 -16.62
CA THR A 91 6.86 15.62 -16.94
C THR A 91 6.85 14.73 -18.16
N ASP A 92 5.83 13.85 -18.25
CA ASP A 92 5.73 12.94 -19.43
C ASP A 92 4.33 12.39 -19.47
N THR A 93 4.05 11.69 -20.55
CA THR A 93 2.76 10.99 -20.75
C THR A 93 2.81 9.65 -20.01
N VAL A 94 1.85 9.41 -19.16
CA VAL A 94 1.79 8.17 -18.35
C VAL A 94 0.43 7.54 -18.61
N SER A 95 0.43 6.26 -18.96
CA SER A 95 -0.83 5.49 -19.16
C SER A 95 -0.86 4.27 -18.25
N VAL A 96 -2.02 4.03 -17.68
CA VAL A 96 -2.29 2.84 -16.85
C VAL A 96 -3.51 2.15 -17.40
N GLY A 97 -3.37 0.96 -17.97
CA GLY A 97 -4.54 0.15 -18.35
C GLY A 97 -5.39 0.89 -19.35
N GLY A 98 -4.81 1.68 -20.23
CA GLY A 98 -5.56 2.40 -21.28
C GLY A 98 -5.94 3.81 -20.93
N LEU A 99 -5.75 4.22 -19.70
CA LEU A 99 -6.06 5.58 -19.22
C LEU A 99 -4.81 6.44 -19.26
N THR A 100 -4.81 7.54 -20.01
CA THR A 100 -3.63 8.35 -20.28
C THR A 100 -3.74 9.70 -19.57
N VAL A 101 -2.66 10.09 -18.94
CA VAL A 101 -2.45 11.45 -18.36
C VAL A 101 -1.26 12.08 -19.03
N THR A 102 -1.47 13.25 -19.61
CA THR A 102 -0.33 14.04 -20.14
C THR A 102 0.18 14.98 -19.05
N GLY A 103 1.45 15.28 -19.10
CA GLY A 103 2.07 16.19 -18.15
C GLY A 103 2.15 15.64 -16.74
N GLN A 104 2.18 14.33 -16.59
CA GLN A 104 2.34 13.73 -15.25
C GLN A 104 3.76 13.94 -14.75
N ALA A 105 3.93 14.32 -13.48
CA ALA A 105 5.25 14.38 -12.87
C ALA A 105 5.77 12.94 -12.70
N VAL A 106 6.89 12.63 -13.34
CA VAL A 106 7.62 11.35 -13.24
C VAL A 106 8.92 11.65 -12.53
N GLU A 107 9.03 11.20 -11.30
CA GLU A 107 10.17 11.51 -10.42
C GLU A 107 11.26 10.50 -10.70
N SER A 108 12.34 10.93 -11.28
CA SER A 108 13.47 10.09 -11.71
C SER A 108 14.44 9.91 -10.57
N ALA A 109 14.71 8.68 -10.14
CA ALA A 109 15.62 8.42 -9.00
C ALA A 109 17.08 8.61 -9.41
N LYS A 110 17.77 9.47 -8.67
CA LYS A 110 19.24 9.50 -8.73
C LYS A 110 19.80 8.52 -7.71
N LYS A 111 19.11 8.33 -6.60
CA LYS A 111 19.54 7.44 -5.51
C LYS A 111 18.34 6.62 -5.07
N VAL A 112 18.59 5.37 -4.71
CA VAL A 112 17.62 4.50 -4.02
C VAL A 112 18.36 3.76 -2.90
N SER A 113 17.66 3.43 -1.85
CA SER A 113 18.25 2.68 -0.71
C SER A 113 18.36 1.21 -1.12
N SER A 114 19.14 0.49 -0.32
CA SER A 114 19.53 -0.90 -0.63
C SER A 114 18.31 -1.82 -0.84
N SER A 115 17.21 -1.62 -0.10
N SER A 115 17.21 -1.62 -0.10
N SER A 115 17.25 -1.71 -0.06
N SER A 115 17.25 -1.71 -0.06
CA SER A 115 16.00 -2.48 -0.18
CA SER A 115 16.00 -2.48 -0.18
CA SER A 115 16.16 -2.70 -0.17
CA SER A 115 16.16 -2.70 -0.17
C SER A 115 15.38 -2.39 -1.58
C SER A 115 15.38 -2.39 -1.58
C SER A 115 15.50 -2.49 -1.52
C SER A 115 15.50 -2.49 -1.52
N PHE A 116 15.44 -1.22 -2.22
N PHE A 116 15.44 -1.22 -2.22
N PHE A 116 15.56 -1.29 -2.09
N PHE A 116 15.56 -1.29 -2.09
CA PHE A 116 14.94 -1.05 -3.61
CA PHE A 116 14.94 -1.05 -3.61
CA PHE A 116 15.01 -1.09 -3.46
CA PHE A 116 15.01 -1.09 -3.46
C PHE A 116 15.92 -1.72 -4.58
C PHE A 116 15.92 -1.72 -4.58
C PHE A 116 15.92 -1.79 -4.46
C PHE A 116 15.92 -1.79 -4.46
N THR A 117 17.22 -1.50 -4.41
CA THR A 117 18.23 -2.12 -5.30
C THR A 117 18.06 -3.64 -5.29
N GLU A 118 17.83 -4.17 -4.09
CA GLU A 118 17.85 -5.63 -3.83
C GLU A 118 16.58 -6.29 -4.33
N ASP A 119 15.56 -5.51 -4.68
N ASP A 119 15.56 -5.51 -4.68
N ASP A 119 15.57 -5.50 -4.66
N ASP A 119 15.58 -5.49 -4.67
CA ASP A 119 14.28 -6.04 -5.23
CA ASP A 119 14.28 -6.04 -5.23
CA ASP A 119 14.32 -6.04 -5.21
CA ASP A 119 14.32 -6.04 -5.21
C ASP A 119 14.17 -5.74 -6.73
C ASP A 119 14.17 -5.74 -6.73
C ASP A 119 14.26 -5.72 -6.71
C ASP A 119 14.26 -5.72 -6.71
N SER A 120 14.56 -6.70 -7.56
CA SER A 120 14.64 -6.52 -9.03
C SER A 120 13.26 -6.43 -9.65
N THR A 121 12.22 -6.80 -8.93
CA THR A 121 10.84 -6.89 -9.50
C THR A 121 10.08 -5.55 -9.48
N ILE A 122 10.57 -4.56 -8.74
N ILE A 122 10.57 -4.56 -8.74
N ILE A 122 10.53 -4.59 -8.69
N ILE A 122 10.53 -4.59 -8.69
CA ILE A 122 9.84 -3.27 -8.61
CA ILE A 122 9.84 -3.27 -8.61
CA ILE A 122 9.86 -3.25 -8.51
CA ILE A 122 9.86 -3.25 -8.51
C ILE A 122 10.68 -2.17 -9.25
C ILE A 122 10.68 -2.17 -9.25
C ILE A 122 10.67 -2.18 -9.24
C ILE A 122 10.67 -2.18 -9.24
N ASP A 123 10.10 -1.56 -10.28
CA ASP A 123 10.80 -0.53 -11.08
C ASP A 123 10.49 0.86 -10.54
N GLY A 124 9.67 0.98 -9.51
CA GLY A 124 9.31 2.28 -8.90
C GLY A 124 7.98 2.18 -8.24
N LEU A 125 7.46 3.31 -7.78
N LEU A 125 7.46 3.31 -7.78
N LEU A 125 7.48 3.32 -7.78
N LEU A 125 7.48 3.32 -7.78
CA LEU A 125 6.17 3.39 -7.06
CA LEU A 125 6.17 3.39 -7.06
CA LEU A 125 6.18 3.45 -7.05
CA LEU A 125 6.18 3.45 -7.05
C LEU A 125 5.25 4.37 -7.76
C LEU A 125 5.25 4.37 -7.76
C LEU A 125 5.24 4.37 -7.84
C LEU A 125 5.24 4.37 -7.84
N LEU A 126 3.96 4.11 -7.72
CA LEU A 126 2.95 5.04 -8.21
C LEU A 126 2.03 5.34 -7.04
N GLY A 127 2.17 6.54 -6.48
CA GLY A 127 1.43 6.91 -5.27
C GLY A 127 0.00 7.28 -5.58
N LEU A 128 -0.89 6.85 -4.68
CA LEU A 128 -2.34 7.07 -4.84
C LEU A 128 -2.96 7.58 -3.54
N ALA A 129 -2.15 8.07 -2.60
CA ALA A 129 -2.68 8.86 -1.49
C ALA A 129 -2.95 10.29 -1.98
N PHE A 130 -3.25 11.22 -1.06
CA PHE A 130 -3.65 12.57 -1.48
C PHE A 130 -2.40 13.36 -1.84
N SER A 131 -2.56 14.28 -2.80
CA SER A 131 -1.41 15.01 -3.40
C SER A 131 -0.71 15.92 -2.37
N THR A 132 -1.36 16.22 -1.24
CA THR A 132 -0.74 16.95 -0.13
C THR A 132 0.49 16.25 0.41
N LEU A 133 0.63 14.91 0.24
CA LEU A 133 1.88 14.23 0.67
C LEU A 133 2.98 14.18 -0.38
N ASN A 134 2.75 14.71 -1.58
CA ASN A 134 3.76 14.61 -2.63
C ASN A 134 5.02 15.38 -2.20
N THR A 135 6.19 14.82 -2.42
CA THR A 135 7.45 15.39 -1.85
C THR A 135 8.13 16.35 -2.82
N VAL A 136 7.62 16.59 -4.01
CA VAL A 136 8.39 17.44 -4.97
C VAL A 136 8.48 18.87 -4.45
N SER A 137 9.70 19.40 -4.53
CA SER A 137 10.01 20.77 -4.10
C SER A 137 10.70 21.48 -5.25
N PRO A 138 10.44 22.80 -5.43
CA PRO A 138 9.60 23.65 -4.60
C PRO A 138 8.12 23.73 -4.97
N THR A 139 7.71 22.97 -6.00
CA THR A 139 6.34 23.01 -6.51
C THR A 139 5.78 21.59 -6.36
N GLN A 140 4.89 21.42 -5.41
CA GLN A 140 4.35 20.07 -5.15
C GLN A 140 3.58 19.64 -6.40
N GLN A 141 3.66 18.34 -6.66
CA GLN A 141 3.01 17.74 -7.86
C GLN A 141 1.81 16.89 -7.48
N LYS A 142 0.94 16.70 -8.46
CA LYS A 142 -0.28 15.88 -8.31
C LYS A 142 -0.02 14.41 -8.63
N THR A 143 -0.76 13.54 -7.95
CA THR A 143 -0.76 12.09 -8.26
C THR A 143 -1.38 11.86 -9.65
N PHE A 144 -1.12 10.66 -10.17
CA PHE A 144 -1.75 10.18 -11.41
C PHE A 144 -3.27 10.25 -11.26
N PHE A 145 -3.82 9.78 -10.14
CA PHE A 145 -5.28 9.80 -9.93
C PHE A 145 -5.81 11.23 -9.91
N ASP A 146 -5.13 12.12 -9.21
CA ASP A 146 -5.60 13.51 -9.14
C ASP A 146 -5.56 14.12 -10.55
N ASN A 147 -4.54 13.89 -11.38
CA ASN A 147 -4.47 14.44 -12.74
C ASN A 147 -5.55 13.80 -13.62
N ALA A 148 -5.86 12.55 -13.43
CA ALA A 148 -6.85 11.81 -14.26
C ALA A 148 -8.31 12.13 -13.90
N LYS A 149 -8.58 12.54 -12.67
N LYS A 149 -8.53 12.56 -12.66
N LYS A 149 -8.58 12.54 -12.67
N LYS A 149 -8.54 12.55 -12.66
CA LYS A 149 -9.94 12.35 -12.09
CA LYS A 149 -9.85 12.54 -11.99
CA LYS A 149 -9.94 12.35 -12.09
CA LYS A 149 -9.86 12.54 -11.99
C LYS A 149 -11.01 13.20 -12.81
C LYS A 149 -10.94 13.18 -12.86
C LYS A 149 -11.00 13.20 -12.82
C LYS A 149 -10.94 13.18 -12.86
N ALA A 150 -10.67 14.39 -13.33
CA ALA A 150 -11.68 15.20 -14.04
C ALA A 150 -12.10 14.47 -15.30
N SER A 151 -11.21 13.70 -15.95
CA SER A 151 -11.47 12.96 -17.20
C SER A 151 -12.22 11.66 -16.96
N LEU A 152 -12.20 11.14 -15.75
CA LEU A 152 -12.76 9.80 -15.50
C LEU A 152 -14.28 9.81 -15.54
N ASP A 153 -14.88 8.69 -15.86
CA ASP A 153 -16.35 8.60 -15.89
C ASP A 153 -16.92 8.86 -14.50
N SER A 154 -16.23 8.38 -13.46
N SER A 154 -16.24 8.33 -13.47
N SER A 154 -16.23 8.37 -13.47
N SER A 154 -16.24 8.34 -13.47
CA SER A 154 -16.56 8.56 -12.03
CA SER A 154 -16.55 8.56 -12.03
CA SER A 154 -16.56 8.57 -12.04
CA SER A 154 -16.55 8.56 -12.04
C SER A 154 -15.22 8.78 -11.32
C SER A 154 -15.22 8.79 -11.32
C SER A 154 -15.22 8.78 -11.32
C SER A 154 -15.22 8.78 -11.32
N PRO A 155 -15.14 9.70 -10.32
CA PRO A 155 -13.87 10.05 -9.70
C PRO A 155 -13.42 9.03 -8.63
N VAL A 156 -13.14 7.81 -9.11
CA VAL A 156 -12.90 6.65 -8.21
C VAL A 156 -11.79 5.82 -8.81
N PHE A 157 -11.09 5.06 -7.95
CA PHE A 157 -10.32 3.90 -8.42
C PHE A 157 -10.64 2.79 -7.45
N THR A 158 -10.39 1.56 -7.88
CA THR A 158 -10.65 0.38 -7.04
C THR A 158 -9.43 -0.54 -7.02
N ALA A 159 -9.23 -1.15 -5.89
CA ALA A 159 -8.17 -2.12 -5.66
C ALA A 159 -8.81 -3.46 -5.40
N ASP A 160 -8.44 -4.48 -6.18
CA ASP A 160 -8.93 -5.84 -6.10
C ASP A 160 -7.69 -6.73 -6.09
N LEU A 161 -7.00 -6.81 -4.95
CA LEU A 161 -5.75 -7.58 -4.85
C LEU A 161 -6.09 -9.05 -4.71
N GLY A 162 -5.28 -9.89 -5.32
CA GLY A 162 -5.43 -11.35 -5.24
C GLY A 162 -4.65 -11.93 -4.05
N TYR A 163 -5.11 -13.04 -3.51
CA TYR A 163 -4.31 -13.90 -2.61
C TYR A 163 -3.55 -14.91 -3.46
N HIS A 164 -2.24 -14.76 -3.50
CA HIS A 164 -1.36 -15.67 -4.25
C HIS A 164 -1.87 -15.75 -5.69
N ALA A 165 -2.28 -14.62 -6.28
CA ALA A 165 -2.92 -14.60 -7.61
C ALA A 165 -2.98 -13.15 -8.06
N PRO A 166 -3.04 -12.91 -9.38
CA PRO A 166 -3.22 -11.57 -9.89
C PRO A 166 -4.58 -11.00 -9.50
N GLY A 167 -4.62 -9.67 -9.55
CA GLY A 167 -5.84 -8.88 -9.29
C GLY A 167 -5.91 -7.72 -10.23
N THR A 168 -6.64 -6.68 -9.85
CA THR A 168 -6.97 -5.58 -10.76
C THR A 168 -6.99 -4.24 -10.03
N TYR A 169 -6.46 -3.22 -10.69
CA TYR A 169 -6.72 -1.81 -10.38
C TYR A 169 -7.57 -1.26 -11.50
N ASN A 170 -8.71 -0.69 -11.15
CA ASN A 170 -9.58 0.01 -12.11
C ASN A 170 -9.63 1.48 -11.77
N PHE A 171 -9.70 2.31 -12.80
CA PHE A 171 -9.83 3.76 -12.66
C PHE A 171 -11.09 4.21 -13.39
N GLY A 172 -11.96 4.94 -12.68
CA GLY A 172 -13.12 5.64 -13.26
C GLY A 172 -14.35 4.82 -13.31
N PHE A 173 -14.40 3.60 -12.81
CA PHE A 173 -15.63 2.81 -12.79
C PHE A 173 -15.52 1.75 -11.72
N ILE A 174 -16.68 1.30 -11.27
N ILE A 174 -16.70 1.34 -11.24
N ILE A 174 -16.68 1.30 -11.27
N ILE A 174 -16.69 1.33 -11.25
CA ILE A 174 -16.81 0.18 -10.29
CA ILE A 174 -16.92 0.18 -10.33
CA ILE A 174 -16.81 0.18 -10.29
CA ILE A 174 -16.91 0.19 -10.33
C ILE A 174 -17.36 -1.04 -11.04
C ILE A 174 -17.33 -1.02 -11.17
C ILE A 174 -17.36 -1.04 -11.04
C ILE A 174 -17.33 -1.02 -11.17
N ASP A 175 -16.54 -2.10 -11.11
CA ASP A 175 -16.91 -3.36 -11.77
C ASP A 175 -17.84 -4.12 -10.84
N THR A 176 -19.15 -4.06 -11.12
CA THR A 176 -20.17 -4.69 -10.26
C THR A 176 -20.08 -6.21 -10.36
N THR A 177 -19.28 -6.80 -11.23
CA THR A 177 -19.07 -8.26 -11.31
C THR A 177 -17.95 -8.74 -10.38
N ALA A 178 -17.18 -7.81 -9.82
CA ALA A 178 -15.91 -8.13 -9.12
C ALA A 178 -16.13 -8.35 -7.62
N TYR A 179 -17.34 -8.22 -7.10
CA TYR A 179 -17.56 -8.38 -5.65
C TYR A 179 -18.90 -9.03 -5.42
N THR A 180 -19.12 -9.52 -4.20
CA THR A 180 -20.39 -10.17 -3.76
C THR A 180 -21.10 -9.19 -2.85
N GLY A 181 -22.42 -9.31 -2.81
CA GLY A 181 -23.21 -8.47 -1.90
C GLY A 181 -23.10 -7.01 -2.26
N SER A 182 -23.10 -6.15 -1.25
N SER A 182 -23.12 -6.14 -1.25
N SER A 182 -23.10 -6.15 -1.25
N SER A 182 -23.12 -6.14 -1.25
CA SER A 182 -23.09 -4.68 -1.44
CA SER A 182 -23.11 -4.67 -1.40
CA SER A 182 -23.09 -4.68 -1.44
CA SER A 182 -23.11 -4.67 -1.40
C SER A 182 -21.78 -4.07 -0.95
C SER A 182 -21.75 -4.11 -1.01
C SER A 182 -21.78 -4.07 -0.95
C SER A 182 -21.75 -4.11 -1.01
N ILE A 183 -21.49 -2.87 -1.43
CA ILE A 183 -20.28 -2.14 -1.00
C ILE A 183 -20.73 -1.31 0.19
N THR A 184 -20.01 -1.40 1.30
CA THR A 184 -20.27 -0.51 2.45
C THR A 184 -19.30 0.64 2.45
N TYR A 185 -19.77 1.85 2.39
CA TYR A 185 -18.92 3.05 2.38
C TYR A 185 -18.73 3.59 3.79
N THR A 186 -17.62 4.19 4.01
CA THR A 186 -17.19 4.70 5.34
C THR A 186 -16.40 5.99 5.17
N ALA A 187 -16.52 6.89 6.14
CA ALA A 187 -15.91 8.21 6.08
C ALA A 187 -14.40 8.14 6.04
N VAL A 188 -13.81 9.12 5.37
CA VAL A 188 -12.36 9.29 5.24
C VAL A 188 -11.98 10.63 5.84
N SER A 189 -10.89 10.68 6.58
CA SER A 189 -10.19 11.91 6.93
C SER A 189 -9.00 12.05 6.01
N THR A 190 -8.88 13.18 5.34
CA THR A 190 -7.68 13.50 4.55
C THR A 190 -6.65 14.37 5.32
N LYS A 191 -6.88 14.60 6.59
CA LYS A 191 -6.07 15.55 7.41
C LYS A 191 -4.59 15.13 7.41
N GLN A 192 -4.23 13.85 7.38
CA GLN A 192 -2.83 13.40 7.33
C GLN A 192 -2.37 13.03 5.89
N GLY A 193 -3.22 13.21 4.89
N GLY A 193 -3.22 13.21 4.89
N GLY A 193 -3.23 13.35 4.94
N GLY A 193 -3.23 13.35 4.94
CA GLY A 193 -2.87 12.90 3.49
CA GLY A 193 -2.87 12.90 3.49
CA GLY A 193 -3.01 13.10 3.50
CA GLY A 193 -3.01 13.10 3.50
C GLY A 193 -3.17 11.47 3.08
C GLY A 193 -3.17 11.47 3.08
C GLY A 193 -3.17 11.65 3.14
C GLY A 193 -3.17 11.65 3.14
N PHE A 194 -3.74 10.67 3.98
N PHE A 194 -3.74 10.67 3.98
N PHE A 194 -3.76 10.84 4.02
N PHE A 194 -3.76 10.84 4.02
CA PHE A 194 -3.96 9.21 3.75
CA PHE A 194 -3.96 9.21 3.75
CA PHE A 194 -3.94 9.38 3.80
CA PHE A 194 -3.94 9.38 3.80
C PHE A 194 -5.43 8.96 3.50
C PHE A 194 -5.43 8.96 3.50
C PHE A 194 -5.41 9.09 3.58
C PHE A 194 -5.41 9.09 3.58
N TRP A 195 -5.75 7.75 3.04
N TRP A 195 -5.75 7.75 3.04
N TRP A 195 -5.72 7.92 3.02
N TRP A 195 -5.72 7.92 3.02
CA TRP A 195 -7.11 7.19 3.02
CA TRP A 195 -7.11 7.19 3.02
CA TRP A 195 -7.07 7.30 3.01
CA TRP A 195 -7.07 7.30 3.01
C TRP A 195 -7.38 6.65 4.43
C TRP A 195 -7.38 6.65 4.43
C TRP A 195 -7.34 6.70 4.39
C TRP A 195 -7.34 6.70 4.39
N GLU A 196 -7.61 7.59 5.37
CA GLU A 196 -7.71 7.26 6.80
C GLU A 196 -9.17 7.10 7.14
N TRP A 197 -9.51 6.04 7.86
CA TRP A 197 -10.89 5.69 8.16
C TRP A 197 -10.92 5.04 9.53
N THR A 198 -12.09 4.69 10.02
CA THR A 198 -12.24 4.08 11.35
C THR A 198 -13.00 2.80 11.22
N SER A 199 -12.34 1.68 11.44
CA SER A 199 -13.00 0.38 11.52
C SER A 199 -13.85 0.33 12.77
N THR A 200 -14.91 -0.43 12.74
CA THR A 200 -15.87 -0.53 13.85
C THR A 200 -15.53 -1.70 14.77
N GLY A 201 -14.52 -2.53 14.47
CA GLY A 201 -14.10 -3.53 15.45
C GLY A 201 -13.53 -4.77 14.81
N TYR A 202 -13.45 -5.85 15.58
CA TYR A 202 -12.82 -7.05 15.02
C TYR A 202 -13.35 -8.29 15.69
N ALA A 203 -13.05 -9.42 15.07
CA ALA A 203 -13.24 -10.76 15.68
C ALA A 203 -12.05 -11.60 15.32
N VAL A 204 -11.72 -12.56 16.18
CA VAL A 204 -10.67 -13.57 15.95
C VAL A 204 -11.35 -14.91 15.69
N GLY A 205 -11.11 -15.52 14.55
CA GLY A 205 -11.74 -16.79 14.20
C GLY A 205 -13.24 -16.72 14.36
N SER A 206 -13.81 -17.72 15.03
N SER A 206 -13.81 -17.71 15.02
N SER A 206 -13.81 -17.72 15.03
N SER A 206 -13.81 -17.71 15.03
CA SER A 206 -15.27 -17.83 15.23
CA SER A 206 -15.27 -17.83 15.25
CA SER A 206 -15.27 -17.83 15.23
CA SER A 206 -15.27 -17.83 15.25
C SER A 206 -15.68 -17.09 16.51
C SER A 206 -15.69 -17.10 16.53
C SER A 206 -15.68 -17.09 16.51
C SER A 206 -15.69 -17.09 16.52
N GLY A 207 -14.79 -16.29 17.09
CA GLY A 207 -15.06 -15.52 18.31
C GLY A 207 -16.08 -14.42 18.11
N THR A 208 -16.54 -13.87 19.23
CA THR A 208 -17.54 -12.79 19.20
C THR A 208 -16.87 -11.50 18.71
N PHE A 209 -17.64 -10.72 18.01
CA PHE A 209 -17.15 -9.42 17.47
C PHE A 209 -17.03 -8.42 18.60
N LYS A 210 -15.90 -7.75 18.71
CA LYS A 210 -15.62 -6.67 19.66
C LYS A 210 -15.84 -5.35 18.96
N SER A 211 -16.81 -4.60 19.42
CA SER A 211 -17.10 -3.27 18.87
C SER A 211 -16.10 -2.30 19.48
N THR A 212 -15.27 -1.69 18.68
CA THR A 212 -14.20 -0.78 19.12
C THR A 212 -13.73 -0.02 17.89
N SER A 213 -13.53 1.28 18.03
CA SER A 213 -13.08 2.14 16.91
C SER A 213 -11.61 1.97 16.69
N ILE A 214 -11.20 1.63 15.47
CA ILE A 214 -9.77 1.48 15.12
C ILE A 214 -9.51 2.38 13.93
N ASP A 215 -8.87 3.52 14.20
N ASP A 215 -8.86 3.51 14.20
N ASP A 215 -8.86 3.52 14.20
N ASP A 215 -8.85 3.50 14.20
CA ASP A 215 -8.47 4.51 13.17
CA ASP A 215 -8.48 4.49 13.17
CA ASP A 215 -8.47 4.50 13.16
CA ASP A 215 -8.48 4.48 13.16
C ASP A 215 -7.27 3.95 12.41
C ASP A 215 -7.26 3.94 12.42
C ASP A 215 -7.25 3.94 12.42
C ASP A 215 -7.25 3.94 12.42
N GLY A 216 -7.33 3.89 11.09
N GLY A 216 -7.33 3.89 11.09
N GLY A 216 -7.26 3.97 11.09
N GLY A 216 -7.26 3.98 11.10
CA GLY A 216 -6.16 3.42 10.34
CA GLY A 216 -6.16 3.42 10.35
CA GLY A 216 -6.12 3.45 10.33
CA GLY A 216 -6.12 3.45 10.33
C GLY A 216 -6.26 3.80 8.88
C GLY A 216 -6.26 3.80 8.88
C GLY A 216 -6.11 3.97 8.91
C GLY A 216 -6.11 3.97 8.91
N ILE A 217 -5.23 3.43 8.13
N ILE A 217 -5.23 3.43 8.13
N ILE A 217 -5.18 3.47 8.10
N ILE A 217 -5.18 3.47 8.10
CA ILE A 217 -5.13 3.85 6.71
CA ILE A 217 -5.13 3.85 6.71
CA ILE A 217 -5.10 3.89 6.68
CA ILE A 217 -5.10 3.89 6.68
C ILE A 217 -5.24 2.63 5.81
C ILE A 217 -5.24 2.63 5.81
C ILE A 217 -5.31 2.65 5.79
C ILE A 217 -5.31 2.65 5.79
N ALA A 218 -5.87 2.82 4.66
N ALA A 218 -5.87 2.82 4.66
N ALA A 218 -6.03 2.82 4.69
N ALA A 218 -6.03 2.82 4.69
CA ALA A 218 -5.94 1.80 3.61
CA ALA A 218 -5.94 1.80 3.61
CA ALA A 218 -6.12 1.81 3.62
CA ALA A 218 -6.12 1.81 3.62
C ALA A 218 -4.71 1.99 2.75
C ALA A 218 -4.71 1.99 2.75
C ALA A 218 -4.86 1.96 2.78
C ALA A 218 -4.86 1.96 2.78
N ASP A 219 -3.76 1.04 2.81
N ASP A 219 -3.76 1.04 2.81
N ASP A 219 -3.89 1.05 2.92
N ASP A 219 -3.89 1.05 2.92
CA ASP A 219 -2.40 1.23 2.26
CA ASP A 219 -2.40 1.23 2.26
CA ASP A 219 -2.51 1.23 2.40
CA ASP A 219 -2.51 1.23 2.40
C ASP A 219 -2.01 0.01 1.42
C ASP A 219 -2.01 0.01 1.42
C ASP A 219 -2.04 0.03 1.58
C ASP A 219 -2.04 0.03 1.58
N THR A 220 -2.15 0.12 0.12
N THR A 220 -2.15 0.12 0.12
N THR A 220 -2.30 0.08 0.28
N THR A 220 -2.30 0.08 0.28
CA THR A 220 -1.80 -1.01 -0.77
CA THR A 220 -1.80 -1.01 -0.77
CA THR A 220 -1.93 -0.98 -0.68
CA THR A 220 -1.93 -0.98 -0.68
C THR A 220 -0.29 -1.26 -0.74
C THR A 220 -0.29 -1.26 -0.74
C THR A 220 -0.41 -1.10 -0.82
C THR A 220 -0.41 -1.10 -0.82
N GLY A 221 0.51 -0.26 -0.37
N GLY A 221 0.51 -0.26 -0.37
N GLY A 221 0.36 -0.10 -0.39
N GLY A 221 0.36 -0.10 -0.39
CA GLY A 221 1.98 -0.36 -0.42
CA GLY A 221 1.98 -0.36 -0.42
CA GLY A 221 1.84 -0.19 -0.41
CA GLY A 221 1.83 -0.20 -0.42
C GLY A 221 2.59 -0.89 0.85
C GLY A 221 2.59 -0.89 0.85
C GLY A 221 2.42 -0.96 0.76
C GLY A 221 2.42 -0.96 0.76
N THR A 222 1.78 -1.31 1.81
N THR A 222 1.78 -1.31 1.81
N THR A 222 1.64 -1.20 1.81
N THR A 222 1.64 -1.20 1.81
CA THR A 222 2.25 -2.02 3.03
CA THR A 222 2.25 -2.02 3.03
CA THR A 222 2.08 -1.96 3.02
CA THR A 222 2.08 -1.96 3.02
C THR A 222 1.78 -3.47 2.93
C THR A 222 1.78 -3.47 2.93
C THR A 222 1.65 -3.42 2.87
C THR A 222 1.65 -3.42 2.87
N THR A 223 2.68 -4.42 3.15
N THR A 223 2.68 -4.42 3.15
N THR A 223 2.55 -4.37 3.12
N THR A 223 2.56 -4.36 3.12
CA THR A 223 2.36 -5.85 3.01
CA THR A 223 2.36 -5.85 3.01
CA THR A 223 2.23 -5.80 2.95
CA THR A 223 2.24 -5.81 2.95
C THR A 223 1.33 -6.32 4.04
C THR A 223 1.33 -6.32 4.04
C THR A 223 1.28 -6.31 4.04
C THR A 223 1.28 -6.31 4.04
N LEU A 224 1.57 -5.99 5.31
CA LEU A 224 0.92 -6.60 6.48
C LEU A 224 -0.19 -5.74 7.06
N LEU A 225 -0.91 -6.30 8.02
CA LEU A 225 -2.00 -5.61 8.76
C LEU A 225 -1.39 -5.24 10.12
N TYR A 226 -1.27 -3.95 10.39
CA TYR A 226 -0.71 -3.41 11.64
C TYR A 226 -1.80 -2.78 12.49
N LEU A 227 -2.04 -3.35 13.66
CA LEU A 227 -3.18 -2.98 14.53
C LEU A 227 -2.69 -2.77 15.95
N PRO A 228 -3.53 -2.23 16.84
CA PRO A 228 -3.09 -1.96 18.21
C PRO A 228 -2.63 -3.24 18.90
N ALA A 229 -1.70 -3.11 19.82
CA ALA A 229 -1.09 -4.25 20.52
C ALA A 229 -2.17 -5.12 21.19
N THR A 230 -3.22 -4.52 21.72
CA THR A 230 -4.27 -5.29 22.42
C THR A 230 -4.93 -6.26 21.42
N VAL A 231 -5.22 -5.75 20.22
CA VAL A 231 -5.94 -6.54 19.18
C VAL A 231 -5.00 -7.65 18.70
N VAL A 232 -3.77 -7.30 18.44
CA VAL A 232 -2.78 -8.25 17.90
C VAL A 232 -2.54 -9.37 18.93
N SER A 233 -2.41 -9.03 20.22
CA SER A 233 -2.21 -10.03 21.30
C SER A 233 -3.40 -10.96 21.33
N ALA A 234 -4.62 -10.43 21.23
CA ALA A 234 -5.85 -11.25 21.21
C ALA A 234 -5.82 -12.23 20.05
N TYR A 235 -5.35 -11.80 18.90
CA TYR A 235 -5.31 -12.72 17.73
C TYR A 235 -4.29 -13.83 18.01
N TRP A 236 -3.05 -13.52 18.33
CA TRP A 236 -2.00 -14.55 18.39
C TRP A 236 -2.15 -15.44 19.63
N ALA A 237 -2.89 -15.01 20.61
CA ALA A 237 -3.18 -15.87 21.77
C ALA A 237 -4.00 -17.10 21.34
N GLN A 238 -4.65 -17.04 20.17
CA GLN A 238 -5.45 -18.20 19.66
C GLN A 238 -4.57 -19.16 18.86
N VAL A 239 -3.28 -18.94 18.75
CA VAL A 239 -2.37 -19.79 17.95
C VAL A 239 -1.34 -20.38 18.92
N SER A 240 -1.40 -21.71 19.13
N SER A 240 -1.41 -21.69 19.14
N SER A 240 -1.40 -21.70 19.12
N SER A 240 -1.41 -21.70 19.13
CA SER A 240 -0.49 -22.41 20.06
CA SER A 240 -0.52 -22.38 20.10
CA SER A 240 -0.49 -22.41 20.06
CA SER A 240 -0.52 -22.39 20.09
C SER A 240 0.95 -22.12 19.66
C SER A 240 0.93 -22.15 19.69
C SER A 240 0.95 -22.14 19.66
C SER A 240 0.93 -22.15 19.68
N GLY A 241 1.75 -21.64 20.60
CA GLY A 241 3.16 -21.45 20.36
C GLY A 241 3.51 -20.13 19.68
N ALA A 242 2.54 -19.28 19.37
CA ALA A 242 2.86 -17.96 18.81
C ALA A 242 3.47 -17.08 19.88
N LYS A 243 4.37 -16.20 19.44
CA LYS A 243 5.01 -15.30 20.39
C LYS A 243 5.51 -14.11 19.63
N SER A 244 5.70 -13.00 20.32
CA SER A 244 6.40 -11.83 19.76
C SER A 244 7.90 -12.01 20.00
N SER A 245 8.66 -12.02 18.94
CA SER A 245 10.12 -12.15 18.94
C SER A 245 10.77 -10.79 18.67
N SER A 246 11.49 -10.24 19.64
N SER A 246 11.48 -10.26 19.66
N SER A 246 11.49 -10.24 19.64
N SER A 246 11.48 -10.26 19.65
CA SER A 246 12.27 -9.00 19.45
CA SER A 246 12.31 -9.03 19.51
CA SER A 246 12.27 -9.00 19.44
CA SER A 246 12.30 -9.04 19.51
C SER A 246 13.39 -9.26 18.42
C SER A 246 13.38 -9.27 18.45
C SER A 246 13.39 -9.26 18.42
C SER A 246 13.39 -9.27 18.45
N SER A 247 13.97 -10.46 18.43
CA SER A 247 15.07 -10.81 17.50
C SER A 247 14.57 -10.84 16.05
N VAL A 248 13.37 -11.32 15.82
CA VAL A 248 12.82 -11.37 14.45
C VAL A 248 12.13 -10.05 14.10
N GLY A 249 11.55 -9.35 15.08
CA GLY A 249 10.87 -8.06 14.91
C GLY A 249 9.38 -8.20 14.74
N GLY A 250 8.78 -9.16 15.40
CA GLY A 250 7.32 -9.25 15.45
C GLY A 250 6.90 -10.62 15.87
N TYR A 251 5.62 -10.85 15.75
CA TYR A 251 4.98 -12.14 16.04
C TYR A 251 5.38 -13.20 15.03
N VAL A 252 5.79 -14.32 15.55
CA VAL A 252 6.09 -15.58 14.80
C VAL A 252 5.21 -16.66 15.37
N PHE A 253 5.08 -17.73 14.60
CA PHE A 253 4.21 -18.85 15.00
C PHE A 253 4.78 -20.12 14.40
N PRO A 254 4.42 -21.29 14.97
CA PRO A 254 4.91 -22.55 14.43
C PRO A 254 4.34 -22.72 13.05
N CYS A 255 5.19 -23.07 12.08
CA CYS A 255 4.74 -23.26 10.70
C CYS A 255 3.72 -24.40 10.59
N SER A 256 3.71 -25.30 11.56
CA SER A 256 2.73 -26.40 11.60
C SER A 256 1.33 -25.92 12.00
N ALA A 257 1.15 -24.67 12.39
CA ALA A 257 -0.16 -24.18 12.88
C ALA A 257 -1.15 -24.01 11.75
N THR A 258 -2.42 -24.12 12.10
CA THR A 258 -3.54 -23.69 11.24
C THR A 258 -3.99 -22.37 11.82
N LEU A 259 -3.92 -21.27 11.07
CA LEU A 259 -4.24 -19.94 11.65
C LEU A 259 -5.73 -19.70 11.58
N PRO A 260 -6.27 -18.99 12.58
CA PRO A 260 -7.64 -18.52 12.55
C PRO A 260 -7.79 -17.34 11.63
N SER A 261 -9.02 -17.14 11.20
CA SER A 261 -9.39 -15.97 10.43
C SER A 261 -9.36 -14.72 11.31
N PHE A 262 -9.38 -13.56 10.70
CA PHE A 262 -9.51 -12.29 11.38
C PHE A 262 -10.56 -11.48 10.67
N THR A 263 -11.55 -11.00 11.39
CA THR A 263 -12.62 -10.16 10.83
C THR A 263 -12.42 -8.72 11.26
N PHE A 264 -12.61 -7.79 10.33
CA PHE A 264 -12.64 -6.36 10.69
C PHE A 264 -13.97 -5.72 10.25
N GLY A 265 -14.43 -4.77 11.05
CA GLY A 265 -15.72 -4.10 10.76
C GLY A 265 -15.53 -2.91 9.84
N VAL A 266 -16.51 -2.77 8.93
CA VAL A 266 -16.70 -1.57 8.08
C VAL A 266 -18.14 -1.16 8.30
N GLY A 267 -18.35 -0.14 9.12
CA GLY A 267 -19.73 0.15 9.56
C GLY A 267 -20.32 -1.11 10.13
N SER A 268 -21.53 -1.47 9.71
N SER A 268 -21.52 -1.46 9.68
N SER A 268 -21.53 -1.47 9.71
N SER A 268 -21.52 -1.46 9.68
CA SER A 268 -22.23 -2.69 10.18
CA SER A 268 -22.27 -2.67 10.14
CA SER A 268 -22.23 -2.69 10.17
CA SER A 268 -22.26 -2.66 10.13
C SER A 268 -21.78 -3.92 9.41
C SER A 268 -21.77 -3.92 9.40
C SER A 268 -21.78 -3.92 9.41
C SER A 268 -21.77 -3.92 9.40
N ALA A 269 -20.94 -3.74 8.38
CA ALA A 269 -20.47 -4.86 7.55
C ALA A 269 -19.19 -5.47 8.14
N ARG A 270 -18.85 -6.60 7.62
CA ARG A 270 -17.69 -7.38 8.15
C ARG A 270 -16.90 -7.91 6.96
N ILE A 271 -15.58 -7.77 7.04
CA ILE A 271 -14.63 -8.37 6.05
C ILE A 271 -13.85 -9.45 6.78
N VAL A 272 -13.90 -10.64 6.22
CA VAL A 272 -13.18 -11.78 6.83
C VAL A 272 -11.89 -12.06 6.09
N ILE A 273 -10.77 -12.02 6.80
CA ILE A 273 -9.44 -12.38 6.29
C ILE A 273 -9.24 -13.84 6.63
N PRO A 274 -9.18 -14.76 5.66
CA PRO A 274 -8.90 -16.15 5.97
C PRO A 274 -7.57 -16.31 6.67
N GLY A 275 -7.46 -17.32 7.52
CA GLY A 275 -6.20 -17.58 8.23
C GLY A 275 -4.99 -17.70 7.32
N ASP A 276 -5.16 -18.36 6.18
N ASP A 276 -5.12 -18.33 6.16
N ASP A 276 -5.16 -18.36 6.18
N ASP A 276 -5.12 -18.34 6.16
CA ASP A 276 -4.00 -18.59 5.28
CA ASP A 276 -3.89 -18.58 5.34
CA ASP A 276 -4.00 -18.59 5.28
CA ASP A 276 -3.90 -18.59 5.34
C ASP A 276 -3.40 -17.26 4.82
C ASP A 276 -3.43 -17.28 4.68
C ASP A 276 -3.41 -17.26 4.82
C ASP A 276 -3.43 -17.29 4.67
N TYR A 277 -4.22 -16.21 4.74
CA TYR A 277 -3.73 -14.88 4.29
C TYR A 277 -2.71 -14.33 5.30
N ILE A 278 -2.72 -14.82 6.54
CA ILE A 278 -1.92 -14.26 7.64
C ILE A 278 -0.60 -15.02 7.76
N ASP A 279 -0.37 -16.06 6.91
CA ASP A 279 0.90 -16.81 6.94
C ASP A 279 1.91 -16.21 5.97
N PHE A 280 3.03 -15.67 6.46
CA PHE A 280 4.10 -15.14 5.61
C PHE A 280 5.33 -16.04 5.62
N GLY A 281 5.15 -17.30 6.00
CA GLY A 281 6.15 -18.33 5.74
C GLY A 281 7.35 -18.26 6.67
N PRO A 282 8.31 -19.19 6.43
CA PRO A 282 9.44 -19.31 7.31
C PRO A 282 10.21 -18.01 7.46
N ILE A 283 10.70 -17.74 8.65
CA ILE A 283 11.44 -16.48 8.92
C ILE A 283 12.75 -16.50 8.12
N SER A 284 13.33 -17.65 7.91
CA SER A 284 14.53 -17.90 7.10
C SER A 284 14.34 -19.23 6.43
N THR A 285 14.97 -19.45 5.28
CA THR A 285 14.78 -20.67 4.52
C THR A 285 14.96 -21.89 5.41
N GLY A 286 14.02 -22.81 5.44
CA GLY A 286 14.11 -24.07 6.17
C GLY A 286 13.66 -23.99 7.62
N SER A 287 13.38 -22.78 8.12
CA SER A 287 12.95 -22.60 9.52
C SER A 287 11.54 -23.15 9.70
N SER A 288 11.27 -23.69 10.87
CA SER A 288 9.89 -24.03 11.27
C SER A 288 9.18 -22.91 12.02
N SER A 289 9.79 -21.74 12.13
N SER A 289 9.79 -21.73 12.14
N SER A 289 9.79 -21.74 12.13
N SER A 289 9.79 -21.74 12.13
CA SER A 289 9.15 -20.52 12.68
CA SER A 289 9.17 -20.51 12.69
CA SER A 289 9.15 -20.53 12.67
CA SER A 289 9.17 -20.51 12.68
C SER A 289 8.67 -19.67 11.51
C SER A 289 8.67 -19.67 11.51
C SER A 289 8.67 -19.68 11.50
C SER A 289 8.67 -19.68 11.50
N CYS A 290 7.40 -19.33 11.52
CA CYS A 290 6.76 -18.61 10.41
C CYS A 290 6.40 -17.19 10.86
N PHE A 291 6.51 -16.27 9.92
CA PHE A 291 6.21 -14.85 10.22
C PHE A 291 4.72 -14.53 10.10
N GLY A 292 4.21 -13.86 11.12
CA GLY A 292 2.81 -13.49 11.11
C GLY A 292 2.45 -12.30 10.23
N GLY A 293 1.24 -12.35 9.68
CA GLY A 293 0.74 -11.27 8.83
C GLY A 293 0.01 -10.16 9.53
N ILE A 294 -0.28 -10.35 10.82
CA ILE A 294 -0.90 -9.33 11.69
C ILE A 294 0.17 -8.97 12.71
N GLN A 295 0.51 -7.70 12.79
CA GLN A 295 1.61 -7.23 13.65
C GLN A 295 1.14 -5.98 14.40
N SER A 296 1.82 -5.66 15.49
CA SER A 296 1.50 -4.46 16.25
C SER A 296 1.92 -3.18 15.52
N SER A 297 1.03 -2.20 15.59
CA SER A 297 1.33 -0.84 15.12
C SER A 297 1.97 0.05 16.17
N ALA A 298 2.24 -0.48 17.37
N ALA A 298 2.20 -0.47 17.38
N ALA A 298 2.25 -0.48 17.37
N ALA A 298 2.22 -0.48 17.37
CA ALA A 298 2.85 0.32 18.46
CA ALA A 298 2.58 0.35 18.54
CA ALA A 298 2.86 0.32 18.45
CA ALA A 298 2.58 0.35 18.54
C ALA A 298 4.23 0.81 17.99
C ALA A 298 3.76 1.26 18.18
C ALA A 298 4.23 0.81 17.99
C ALA A 298 3.77 1.26 18.19
N GLY A 299 4.47 2.12 18.07
N GLY A 299 4.72 0.79 17.39
N GLY A 299 4.46 2.12 18.05
N GLY A 299 4.71 0.79 17.38
CA GLY A 299 5.71 2.76 17.64
CA GLY A 299 5.97 1.50 17.06
CA GLY A 299 5.71 2.75 17.62
CA GLY A 299 5.96 1.51 17.05
C GLY A 299 5.62 3.27 16.21
C GLY A 299 5.86 2.35 15.81
C GLY A 299 5.62 3.26 16.20
C GLY A 299 5.84 2.35 15.79
N ILE A 300 4.60 2.86 15.45
N ILE A 300 4.65 2.53 15.24
N ILE A 300 4.59 2.86 15.45
N ILE A 300 4.63 2.52 15.24
CA ILE A 300 4.44 3.34 14.04
CA ILE A 300 4.39 3.28 13.96
CA ILE A 300 4.42 3.33 14.04
CA ILE A 300 4.35 3.27 13.97
C ILE A 300 3.60 4.61 14.09
C ILE A 300 3.78 4.65 14.23
C ILE A 300 3.57 4.61 14.04
C ILE A 300 3.71 4.64 14.23
N GLY A 301 2.81 4.75 15.15
N GLY A 301 2.83 4.73 15.16
N GLY A 301 2.59 4.75 14.94
N GLY A 301 2.59 4.74 14.96
CA GLY A 301 1.99 5.93 15.39
CA GLY A 301 2.02 5.92 15.38
CA GLY A 301 1.76 5.94 15.18
CA GLY A 301 1.77 5.95 15.18
C GLY A 301 0.78 5.94 14.50
C GLY A 301 0.79 5.94 14.49
C GLY A 301 0.39 5.90 14.53
C GLY A 301 0.39 5.90 14.53
N ILE A 302 0.52 4.85 13.77
N ILE A 302 0.54 4.84 13.76
N ILE A 302 0.17 4.96 13.60
N ILE A 302 0.16 4.97 13.60
CA ILE A 302 -0.74 4.72 12.99
CA ILE A 302 -0.73 4.71 12.99
CA ILE A 302 -1.14 4.79 12.90
CA ILE A 302 -1.14 4.79 12.91
C ILE A 302 -1.01 3.23 12.72
C ILE A 302 -1.01 3.23 12.72
C ILE A 302 -1.36 3.29 12.67
C ILE A 302 -1.36 3.29 12.68
N ASN A 303 -2.31 2.89 12.64
N ASN A 303 -2.30 2.90 12.65
N ASN A 303 -2.60 2.83 12.68
N ASN A 303 -2.60 2.83 12.68
CA ASN A 303 -2.74 1.54 12.24
CA ASN A 303 -2.74 1.54 12.24
CA ASN A 303 -2.94 1.45 12.26
CA ASN A 303 -2.94 1.45 12.26
C ASN A 303 -2.76 1.47 10.72
C ASN A 303 -2.76 1.47 10.72
C ASN A 303 -2.86 1.42 10.73
C ASN A 303 -2.86 1.42 10.73
N ILE A 304 -2.37 0.34 10.17
N ILE A 304 -2.37 0.34 10.17
N ILE A 304 -2.45 0.29 10.17
N ILE A 304 -2.45 0.29 10.17
CA ILE A 304 -2.27 0.22 8.69
CA ILE A 304 -2.27 0.22 8.69
CA ILE A 304 -2.30 0.20 8.69
CA ILE A 304 -2.30 0.20 8.69
C ILE A 304 -3.05 -1.00 8.24
C ILE A 304 -3.05 -1.00 8.24
C ILE A 304 -3.01 -1.05 8.19
C ILE A 304 -3.01 -1.05 8.19
N PHE A 305 -4.09 -0.77 7.45
N PHE A 305 -4.09 -0.77 7.45
N PHE A 305 -4.15 -0.87 7.53
N PHE A 305 -4.15 -0.87 7.53
CA PHE A 305 -4.80 -1.83 6.72
CA PHE A 305 -4.80 -1.83 6.72
CA PHE A 305 -4.86 -1.92 6.79
CA PHE A 305 -4.86 -1.92 6.79
C PHE A 305 -4.03 -2.04 5.43
C PHE A 305 -4.03 -2.04 5.43
C PHE A 305 -4.10 -2.09 5.47
C PHE A 305 -4.10 -2.09 5.47
N GLY A 306 -3.02 -2.89 5.50
CA GLY A 306 -2.18 -3.18 4.34
C GLY A 306 -2.77 -4.35 3.56
N ASP A 307 -1.95 -4.91 2.70
CA ASP A 307 -2.44 -5.89 1.72
C ASP A 307 -3.14 -7.07 2.38
N VAL A 308 -2.66 -7.59 3.50
CA VAL A 308 -3.32 -8.70 4.19
C VAL A 308 -4.80 -8.43 4.37
N ALA A 309 -5.14 -7.23 4.79
CA ALA A 309 -6.55 -6.86 4.94
C ALA A 309 -7.20 -6.54 3.58
N LEU A 310 -6.54 -5.71 2.78
CA LEU A 310 -7.23 -5.21 1.57
C LEU A 310 -7.49 -6.34 0.56
N LYS A 311 -6.62 -7.35 0.49
N LYS A 311 -6.64 -7.35 0.47
N LYS A 311 -6.62 -7.35 0.49
N LYS A 311 -6.63 -7.35 0.48
CA LYS A 311 -6.77 -8.44 -0.50
CA LYS A 311 -6.83 -8.40 -0.55
CA LYS A 311 -6.77 -8.44 -0.50
CA LYS A 311 -6.83 -8.40 -0.55
C LYS A 311 -8.01 -9.29 -0.17
C LYS A 311 -8.01 -9.32 -0.17
C LYS A 311 -8.01 -9.29 -0.17
C LYS A 311 -8.02 -9.30 -0.17
N ALA A 312 -8.54 -9.20 1.06
CA ALA A 312 -9.78 -9.91 1.42
C ALA A 312 -11.03 -9.17 0.91
N ALA A 313 -10.86 -8.00 0.31
CA ALA A 313 -12.02 -7.15 -0.07
C ALA A 313 -11.84 -6.63 -1.49
N PHE A 314 -12.95 -6.15 -2.02
CA PHE A 314 -12.97 -5.21 -3.15
C PHE A 314 -13.04 -3.82 -2.56
N VAL A 315 -12.08 -2.95 -2.84
CA VAL A 315 -11.93 -1.67 -2.12
C VAL A 315 -12.13 -0.57 -3.13
N VAL A 316 -13.03 0.37 -2.80
CA VAL A 316 -13.31 1.58 -3.58
C VAL A 316 -12.67 2.77 -2.91
N PHE A 317 -11.80 3.44 -3.65
CA PHE A 317 -11.17 4.70 -3.23
C PHE A 317 -11.96 5.79 -3.96
N ASN A 318 -12.93 6.38 -3.26
CA ASN A 318 -13.86 7.37 -3.85
C ASN A 318 -13.31 8.76 -3.64
N GLY A 319 -12.83 9.37 -4.72
CA GLY A 319 -12.20 10.69 -4.75
C GLY A 319 -13.19 11.79 -5.06
N ALA A 320 -14.44 11.65 -4.74
CA ALA A 320 -15.45 12.73 -4.84
C ALA A 320 -15.03 13.86 -3.91
N THR A 321 -15.71 15.01 -4.05
CA THR A 321 -15.34 16.23 -3.28
C THR A 321 -15.17 15.91 -1.80
N THR A 322 -16.06 15.09 -1.24
CA THR A 322 -15.84 14.48 0.08
C THR A 322 -15.43 13.03 -0.12
N PRO A 323 -14.11 12.70 0.00
CA PRO A 323 -13.71 11.31 -0.26
C PRO A 323 -14.33 10.34 0.73
N THR A 324 -14.52 9.12 0.27
CA THR A 324 -14.94 8.01 1.13
C THR A 324 -14.22 6.74 0.66
N LEU A 325 -14.23 5.70 1.52
N LEU A 325 -14.44 5.67 1.41
N LEU A 325 -14.24 5.70 1.51
N LEU A 325 -14.44 5.67 1.41
CA LEU A 325 -13.77 4.34 1.13
CA LEU A 325 -13.79 4.37 1.17
CA LEU A 325 -13.77 4.34 1.13
CA LEU A 325 -13.79 4.37 1.17
C LEU A 325 -14.97 3.42 1.09
C LEU A 325 -14.87 3.29 1.22
C LEU A 325 -14.98 3.42 1.09
C LEU A 325 -14.87 3.29 1.22
N GLY A 326 -14.95 2.45 0.19
CA GLY A 326 -15.93 1.40 0.17
C GLY A 326 -15.27 0.05 0.28
N PHE A 327 -15.88 -0.87 1.01
CA PHE A 327 -15.43 -2.25 1.09
C PHE A 327 -16.56 -3.18 0.76
N ALA A 328 -16.28 -4.20 -0.03
CA ALA A 328 -17.18 -5.35 -0.32
C ALA A 328 -16.42 -6.65 -0.12
N SER A 329 -17.16 -7.68 0.25
CA SER A 329 -16.63 -9.04 0.20
C SER A 329 -16.50 -9.45 -1.28
N LYS A 330 -15.75 -10.53 -1.57
CA LYS A 330 -15.62 -10.99 -2.95
C LYS A 330 -15.32 -12.48 -3.00
#